data_2ZE5
#
_entry.id   2ZE5
#
_cell.length_a   96.392
_cell.length_b   96.392
_cell.length_c   65.197
_cell.angle_alpha   90.00
_cell.angle_beta   90.00
_cell.angle_gamma   90.00
#
_symmetry.space_group_name_H-M   'P 42 21 2'
#
loop_
_entity.id
_entity.type
_entity.pdbx_description
1 polymer 'Isopentenyl transferase'
2 non-polymer 'CHLORIDE ION'
3 non-polymer 'ADENOSINE MONOPHOSPHATE'
4 water water
#
_entity_poly.entity_id   1
_entity_poly.type   'polypeptide(L)'
_entity_poly.pdbx_seq_one_letter_code
;MLLHLIYGPTCSGKTDMAIQIAQETGWPVVALDRVQCCPQIATGSGRPLESELQSTRRIYLDSRPLTEGILDAESAHRRL
IFEVDWRKSEEGLILEGGSISLLNCMAKSPFWRSGFQWHVKRLRLGDSDAFLTRAKQRVAEMFAIREDRPSLLEELAELW
NYPAARPILEDIDGYRCAIRFARKHDLAISQLPNIDAGRHVELIEAIANEYLEHALSQERDFPQWPEDGAGQPVCPVTLT
RIRGSRSHHHHHH
;
_entity_poly.pdbx_strand_id   A
#
loop_
_chem_comp.id
_chem_comp.type
_chem_comp.name
_chem_comp.formula
AMP non-polymer 'ADENOSINE MONOPHOSPHATE' 'C10 H14 N5 O7 P'
CL non-polymer 'CHLORIDE ION' 'Cl -1'
#
# COMPACT_ATOMS: atom_id res chain seq x y z
N MET A 1 17.83 -16.31 -11.44
CA MET A 1 16.47 -15.70 -11.27
C MET A 1 16.40 -14.22 -11.68
N LEU A 2 15.29 -13.86 -12.34
CA LEU A 2 15.08 -12.48 -12.78
C LEU A 2 14.14 -11.78 -11.81
N LEU A 3 14.52 -10.61 -11.30
CA LEU A 3 13.70 -9.92 -10.34
C LEU A 3 13.16 -8.66 -11.05
N HIS A 4 11.82 -8.55 -11.12
CA HIS A 4 11.21 -7.40 -11.76
C HIS A 4 10.74 -6.40 -10.69
N LEU A 5 11.52 -5.35 -10.47
CA LEU A 5 11.27 -4.42 -9.40
C LEU A 5 10.44 -3.28 -9.94
N ILE A 6 9.28 -3.06 -9.35
CA ILE A 6 8.44 -1.97 -9.72
C ILE A 6 8.27 -1.12 -8.49
N TYR A 7 8.77 0.12 -8.50
CA TYR A 7 8.57 0.92 -7.31
C TYR A 7 8.13 2.32 -7.67
N GLY A 8 7.53 2.99 -6.70
CA GLY A 8 7.18 4.36 -6.97
C GLY A 8 6.11 4.82 -6.03
N PRO A 9 5.69 6.10 -6.15
CA PRO A 9 4.75 6.61 -5.13
C PRO A 9 3.38 5.93 -5.25
N THR A 10 2.60 6.13 -4.22
CA THR A 10 1.19 5.78 -4.13
C THR A 10 0.34 6.29 -5.27
N CYS A 11 -0.68 5.49 -5.64
CA CYS A 11 -1.58 5.78 -6.77
C CYS A 11 -0.78 6.01 -8.09
N SER A 12 0.19 5.19 -8.37
CA SER A 12 0.90 5.29 -9.66
C SER A 12 0.64 4.12 -10.57
N GLY A 13 -0.43 3.34 -10.26
CA GLY A 13 -0.81 2.11 -10.99
C GLY A 13 0.19 0.92 -10.96
N LYS A 14 1.21 1.00 -10.11
CA LYS A 14 2.21 -0.04 -9.93
C LYS A 14 1.57 -1.40 -9.71
N THR A 15 0.55 -1.44 -8.85
CA THR A 15 -0.12 -2.69 -8.56
C THR A 15 -0.71 -3.35 -9.80
N ASP A 16 -1.40 -2.60 -10.64
CA ASP A 16 -2.00 -3.17 -11.84
C ASP A 16 -0.98 -3.64 -12.83
N MET A 17 0.04 -2.82 -12.97
CA MET A 17 1.13 -3.14 -13.80
C MET A 17 1.83 -4.49 -13.35
N ALA A 18 2.11 -4.66 -12.03
CA ALA A 18 2.56 -5.96 -11.47
C ALA A 18 1.64 -7.15 -11.82
N ILE A 19 0.35 -6.95 -11.56
CA ILE A 19 -0.63 -7.98 -11.89
C ILE A 19 -0.55 -8.41 -13.36
N GLN A 20 -0.36 -7.47 -14.25
CA GLN A 20 -0.37 -7.76 -15.68
C GLN A 20 0.83 -8.64 -16.00
N ILE A 21 2.00 -8.27 -15.47
CA ILE A 21 3.19 -9.12 -15.69
C ILE A 21 2.96 -10.53 -15.09
N ALA A 22 2.22 -10.54 -13.97
CA ALA A 22 2.03 -11.79 -13.23
C ALA A 22 1.12 -12.71 -14.03
N GLN A 23 0.02 -12.18 -14.59
CA GLN A 23 -0.85 -13.01 -15.46
C GLN A 23 -0.03 -13.54 -16.68
N GLU A 24 0.76 -12.71 -17.33
CA GLU A 24 1.53 -13.22 -18.49
C GLU A 24 2.61 -14.28 -18.13
N THR A 25 3.34 -14.03 -17.04
CA THR A 25 4.48 -14.90 -16.64
C THR A 25 4.06 -16.11 -15.77
N GLY A 26 3.02 -15.94 -14.95
CA GLY A 26 2.74 -16.98 -13.94
C GLY A 26 3.50 -16.77 -12.61
N TRP A 27 4.36 -15.71 -12.51
CA TRP A 27 5.23 -15.41 -11.36
C TRP A 27 4.42 -14.70 -10.25
N PRO A 28 4.75 -14.98 -8.99
CA PRO A 28 4.07 -14.26 -7.89
C PRO A 28 4.56 -12.84 -7.84
N VAL A 29 3.74 -11.96 -7.28
CA VAL A 29 4.13 -10.62 -6.91
C VAL A 29 4.28 -10.51 -5.42
N VAL A 30 5.48 -10.08 -4.99
CA VAL A 30 5.76 -9.86 -3.56
C VAL A 30 5.57 -8.39 -3.24
N ALA A 31 4.65 -8.04 -2.34
CA ALA A 31 4.36 -6.63 -2.02
C ALA A 31 5.44 -5.95 -1.17
N LEU A 32 6.03 -4.89 -1.69
CA LEU A 32 7.07 -4.18 -0.93
C LEU A 32 6.37 -3.11 -0.12
N ASP A 33 5.60 -3.57 0.86
CA ASP A 33 4.76 -2.71 1.66
C ASP A 33 4.67 -3.29 3.07
N ARG A 34 4.96 -2.50 4.12
CA ARG A 34 4.80 -2.94 5.49
C ARG A 34 3.37 -2.85 5.94
N VAL A 35 2.66 -1.77 5.61
CA VAL A 35 1.31 -1.51 6.12
C VAL A 35 0.34 -2.58 5.61
N GLN A 36 0.55 -3.02 4.35
CA GLN A 36 -0.33 -4.04 3.80
C GLN A 36 -0.15 -5.39 4.46
N CYS A 37 0.82 -5.53 5.40
CA CYS A 37 0.85 -6.79 6.16
C CYS A 37 -0.18 -6.85 7.30
N CYS A 38 -1.03 -5.82 7.48
CA CYS A 38 -2.14 -5.89 8.45
C CYS A 38 -3.43 -6.00 7.68
N PRO A 39 -3.94 -7.26 7.48
CA PRO A 39 -5.20 -7.52 6.71
C PRO A 39 -6.43 -6.85 7.35
N GLN A 40 -6.40 -6.45 8.63
CA GLN A 40 -7.57 -5.76 9.18
C GLN A 40 -7.75 -4.38 8.51
N ILE A 41 -6.70 -3.89 7.82
CA ILE A 41 -6.77 -2.65 6.96
C ILE A 41 -6.41 -2.92 5.51
N ALA A 42 -6.65 -4.14 5.08
CA ALA A 42 -6.50 -4.50 3.68
C ALA A 42 -6.98 -3.42 2.68
N THR A 43 -8.19 -2.90 2.83
CA THR A 43 -8.71 -1.96 1.81
C THR A 43 -7.94 -0.65 1.85
N GLY A 44 -7.88 0.00 3.03
CA GLY A 44 -7.29 1.30 3.13
C GLY A 44 -5.77 1.23 2.88
N SER A 45 -5.11 0.15 3.23
CA SER A 45 -3.66 0.10 2.92
C SER A 45 -3.33 -0.10 1.40
N GLY A 46 -4.32 -0.35 0.54
CA GLY A 46 -4.04 -0.57 -0.85
C GLY A 46 -3.95 -2.00 -1.42
N ARG A 47 -4.32 -3.02 -0.63
CA ARG A 47 -4.38 -4.38 -1.06
C ARG A 47 -5.32 -4.50 -2.23
N PRO A 48 -4.88 -5.14 -3.36
CA PRO A 48 -5.83 -5.29 -4.45
C PRO A 48 -7.02 -6.21 -4.06
N LEU A 49 -8.18 -6.06 -4.70
CA LEU A 49 -9.31 -6.97 -4.45
C LEU A 49 -8.97 -8.32 -5.04
N GLU A 50 -9.52 -9.37 -4.43
CA GLU A 50 -9.33 -10.74 -4.88
C GLU A 50 -9.78 -10.89 -6.33
N SER A 51 -10.86 -10.17 -6.69
CA SER A 51 -11.42 -10.10 -8.06
C SER A 51 -10.47 -9.41 -9.03
N GLU A 52 -9.74 -8.40 -8.55
CA GLU A 52 -8.73 -7.71 -9.32
C GLU A 52 -7.44 -8.50 -9.55
N LEU A 53 -7.17 -9.47 -8.69
CA LEU A 53 -5.95 -10.23 -8.77
C LEU A 53 -5.90 -11.10 -10.04
N GLN A 54 -7.06 -11.32 -10.67
CA GLN A 54 -7.14 -12.17 -11.87
C GLN A 54 -6.41 -13.48 -11.73
N SER A 55 -6.58 -14.15 -10.58
CA SER A 55 -5.95 -15.46 -10.36
C SER A 55 -4.43 -15.45 -10.22
N THR A 56 -3.80 -14.31 -9.98
CA THR A 56 -2.35 -14.32 -9.77
C THR A 56 -2.08 -14.40 -8.27
N ARG A 57 -0.85 -14.70 -7.86
CA ARG A 57 -0.51 -14.76 -6.43
C ARG A 57 0.07 -13.44 -6.00
N ARG A 58 -0.36 -12.92 -4.86
CA ARG A 58 0.31 -11.77 -4.28
C ARG A 58 0.73 -12.12 -2.87
N ILE A 59 2.01 -11.97 -2.60
CA ILE A 59 2.68 -12.44 -1.35
C ILE A 59 2.90 -11.24 -0.42
N TYR A 60 2.44 -11.32 0.85
CA TYR A 60 2.72 -10.27 1.85
C TYR A 60 3.85 -10.72 2.73
N LEU A 61 4.62 -9.78 3.25
CA LEU A 61 5.84 -10.17 4.08
C LEU A 61 5.47 -10.73 5.48
N ASP A 62 4.28 -10.42 6.00
CA ASP A 62 3.83 -10.97 7.28
C ASP A 62 2.33 -10.91 7.25
N SER A 63 1.65 -11.59 8.17
CA SER A 63 0.25 -11.35 8.33
C SER A 63 -0.02 -11.05 9.79
N ARG A 64 -0.34 -9.78 10.13
CA ARG A 64 -0.34 -9.46 11.58
C ARG A 64 -1.43 -8.54 12.07
N PRO A 65 -1.76 -8.68 13.37
CA PRO A 65 -2.68 -7.80 14.06
C PRO A 65 -2.10 -6.38 14.01
N LEU A 66 -2.94 -5.44 13.65
CA LEU A 66 -2.64 -4.05 13.61
C LEU A 66 -2.17 -3.58 15.00
N THR A 67 -2.69 -4.16 16.07
CA THR A 67 -2.28 -3.71 17.41
C THR A 67 -0.89 -4.23 17.81
N GLU A 68 -0.29 -5.14 17.04
CA GLU A 68 1.10 -5.52 17.27
C GLU A 68 2.02 -4.50 16.59
N GLY A 69 1.47 -3.39 16.12
CA GLY A 69 2.25 -2.44 15.33
C GLY A 69 2.57 -2.85 13.88
N ILE A 70 2.75 -1.87 13.02
CA ILE A 70 3.21 -2.06 11.64
C ILE A 70 4.60 -2.69 11.62
N LEU A 71 4.79 -3.71 10.77
CA LEU A 71 6.03 -4.48 10.69
C LEU A 71 7.17 -3.50 10.53
N ASP A 72 8.26 -3.62 11.29
CA ASP A 72 9.33 -2.69 11.02
C ASP A 72 10.11 -3.06 9.75
N ALA A 73 10.84 -2.10 9.20
CA ALA A 73 11.51 -2.16 7.94
C ALA A 73 12.57 -3.23 7.92
N GLU A 74 13.34 -3.37 9.01
CA GLU A 74 14.49 -4.30 9.05
C GLU A 74 13.94 -5.66 9.14
N SER A 75 12.87 -5.86 9.95
CA SER A 75 12.11 -7.16 9.86
C SER A 75 11.48 -7.46 8.52
N ALA A 76 10.83 -6.52 7.89
CA ALA A 76 10.27 -6.79 6.62
C ALA A 76 11.39 -7.08 5.60
N HIS A 77 12.56 -6.51 5.80
CA HIS A 77 13.58 -6.71 4.82
C HIS A 77 14.10 -8.16 4.84
N ARG A 78 14.35 -8.61 6.06
CA ARG A 78 14.74 -9.97 6.35
C ARG A 78 13.68 -11.02 5.81
N ARG A 79 12.41 -10.75 6.08
CA ARG A 79 11.28 -11.50 5.47
C ARG A 79 11.32 -11.49 3.97
N LEU A 80 11.66 -10.38 3.36
CA LEU A 80 11.71 -10.31 1.91
C LEU A 80 12.87 -11.14 1.30
N ILE A 81 14.00 -11.14 1.97
CA ILE A 81 15.13 -11.86 1.49
C ILE A 81 14.73 -13.30 1.49
N PHE A 82 14.01 -13.72 2.54
CA PHE A 82 13.52 -15.09 2.66
C PHE A 82 12.55 -15.57 1.51
N GLU A 83 11.55 -14.76 1.20
CA GLU A 83 10.59 -15.11 0.16
C GLU A 83 11.27 -15.18 -1.18
N VAL A 84 12.32 -14.40 -1.38
CA VAL A 84 13.01 -14.46 -2.63
C VAL A 84 13.91 -15.71 -2.58
N ASP A 85 14.69 -15.82 -1.52
CA ASP A 85 15.72 -16.82 -1.48
C ASP A 85 15.15 -18.25 -1.64
N TRP A 86 14.08 -18.61 -0.89
CA TRP A 86 13.50 -19.98 -1.03
C TRP A 86 12.85 -20.23 -2.42
N ARG A 87 12.51 -19.16 -3.18
CA ARG A 87 11.94 -19.34 -4.54
C ARG A 87 13.04 -19.34 -5.61
N LYS A 88 14.32 -19.36 -5.19
CA LYS A 88 15.50 -19.27 -6.09
C LYS A 88 15.61 -20.21 -7.29
N SER A 89 15.04 -21.41 -7.20
CA SER A 89 14.74 -22.25 -8.43
C SER A 89 13.96 -21.56 -9.56
N GLU A 90 13.03 -20.66 -9.19
CA GLU A 90 12.03 -20.15 -10.13
C GLU A 90 12.64 -19.23 -11.20
N GLU A 91 12.00 -19.11 -12.37
CA GLU A 91 12.53 -18.22 -13.42
C GLU A 91 12.56 -16.69 -12.97
N GLY A 92 11.52 -16.25 -12.30
CA GLY A 92 11.48 -14.88 -11.94
C GLY A 92 10.52 -14.52 -10.85
N LEU A 93 10.58 -13.27 -10.38
CA LEU A 93 9.65 -12.78 -9.36
C LEU A 93 9.41 -11.29 -9.56
N ILE A 94 8.23 -10.84 -9.19
CA ILE A 94 7.92 -9.46 -9.29
C ILE A 94 7.94 -8.93 -7.85
N LEU A 95 8.77 -7.88 -7.62
CA LEU A 95 8.72 -7.09 -6.35
C LEU A 95 8.09 -5.74 -6.66
N GLU A 96 6.97 -5.47 -6.02
CA GLU A 96 6.30 -4.26 -6.29
C GLU A 96 5.86 -3.51 -4.99
N GLY A 97 6.19 -2.21 -4.81
CA GLY A 97 5.41 -1.35 -3.89
C GLY A 97 6.11 -0.01 -3.62
N GLY A 98 5.72 0.69 -2.55
CA GLY A 98 6.24 2.03 -2.23
C GLY A 98 6.66 2.29 -0.79
N SER A 99 7.08 1.25 -0.08
CA SER A 99 7.50 1.51 1.29
C SER A 99 8.85 2.21 1.25
N ILE A 100 8.91 3.44 1.72
CA ILE A 100 10.13 4.19 1.64
C ILE A 100 11.15 3.45 2.48
N SER A 101 10.79 3.14 3.73
CA SER A 101 11.77 2.56 4.64
C SER A 101 12.30 1.21 4.15
N LEU A 102 11.43 0.38 3.56
CA LEU A 102 11.85 -0.94 3.04
C LEU A 102 12.68 -0.88 1.75
N LEU A 103 12.32 0.01 0.85
CA LEU A 103 13.25 0.31 -0.29
C LEU A 103 14.66 0.81 0.11
N ASN A 104 14.70 1.66 1.11
CA ASN A 104 15.99 2.10 1.58
C ASN A 104 16.80 0.88 2.18
N CYS A 105 16.15 -0.02 2.91
CA CYS A 105 16.80 -1.20 3.38
C CYS A 105 17.30 -2.02 2.20
N MET A 106 16.44 -2.23 1.21
CA MET A 106 16.92 -2.91 0.02
C MET A 106 18.22 -2.30 -0.62
N ALA A 107 18.41 -1.00 -0.43
CA ALA A 107 19.40 -0.29 -1.17
C ALA A 107 20.72 -0.38 -0.42
N LYS A 108 20.66 -0.51 0.89
CA LYS A 108 21.86 -0.69 1.72
C LYS A 108 22.32 -2.13 1.75
N SER A 109 21.47 -3.06 1.31
CA SER A 109 21.69 -4.50 1.53
C SER A 109 22.56 -5.16 0.44
N PRO A 110 23.57 -5.92 0.88
CA PRO A 110 24.42 -6.74 0.01
C PRO A 110 23.67 -7.84 -0.77
N PHE A 111 22.57 -8.33 -0.21
CA PHE A 111 21.79 -9.38 -0.85
C PHE A 111 21.44 -9.12 -2.28
N TRP A 112 21.05 -7.90 -2.60
CA TRP A 112 20.55 -7.61 -3.95
C TRP A 112 21.69 -7.30 -4.93
N ARG A 113 22.90 -7.15 -4.38
CA ARG A 113 24.06 -6.70 -5.14
C ARG A 113 24.58 -7.68 -6.17
N SER A 114 24.29 -8.96 -5.99
CA SER A 114 24.83 -9.99 -6.88
C SER A 114 23.86 -11.13 -6.80
N GLY A 115 23.90 -12.00 -7.80
CA GLY A 115 23.09 -13.21 -7.80
C GLY A 115 21.80 -13.14 -8.62
N PHE A 116 21.48 -11.95 -9.14
CA PHE A 116 20.21 -11.73 -9.89
C PHE A 116 20.34 -10.98 -11.23
N GLN A 117 19.45 -11.29 -12.18
CA GLN A 117 19.20 -10.41 -13.35
C GLN A 117 18.03 -9.51 -12.86
N TRP A 118 17.78 -8.36 -13.50
CA TRP A 118 16.92 -7.35 -12.94
C TRP A 118 16.18 -6.64 -14.03
N HIS A 119 14.88 -6.38 -13.86
CA HIS A 119 14.20 -5.39 -14.69
C HIS A 119 13.68 -4.42 -13.68
N VAL A 120 14.07 -3.16 -13.84
CA VAL A 120 13.74 -2.15 -12.89
C VAL A 120 12.84 -1.09 -13.50
N LYS A 121 11.71 -0.81 -12.87
CA LYS A 121 10.86 0.33 -13.30
C LYS A 121 10.54 1.24 -12.07
N ARG A 122 10.91 2.54 -12.16
CA ARG A 122 10.44 3.59 -11.19
C ARG A 122 9.32 4.38 -11.84
N LEU A 123 8.18 4.42 -11.20
CA LEU A 123 7.14 5.32 -11.59
C LEU A 123 7.40 6.60 -10.84
N ARG A 124 7.16 7.71 -11.54
CA ARG A 124 7.38 8.99 -10.94
C ARG A 124 6.07 9.72 -10.67
N LEU A 125 6.07 10.56 -9.63
CA LEU A 125 5.01 11.48 -9.46
C LEU A 125 4.95 12.41 -10.69
N GLY A 126 3.78 12.54 -11.33
CA GLY A 126 3.69 13.46 -12.48
C GLY A 126 3.29 14.82 -11.97
N ASP A 127 2.48 15.53 -12.76
CA ASP A 127 1.81 16.71 -12.26
C ASP A 127 0.86 16.41 -11.08
N SER A 128 0.77 17.35 -10.16
CA SER A 128 -0.06 17.23 -8.97
C SER A 128 -1.55 17.05 -9.26
N ASP A 129 -2.12 17.79 -10.21
CA ASP A 129 -3.57 17.69 -10.41
C ASP A 129 -3.95 16.37 -11.12
N ALA A 130 -3.07 15.84 -11.98
CA ALA A 130 -3.22 14.49 -12.51
C ALA A 130 -3.09 13.47 -11.36
N PHE A 131 -2.12 13.68 -10.48
CA PHE A 131 -2.02 12.83 -9.34
C PHE A 131 -3.31 12.86 -8.53
N LEU A 132 -3.67 13.99 -7.96
CA LEU A 132 -5.00 14.17 -7.30
C LEU A 132 -6.24 13.49 -7.98
N THR A 133 -6.40 13.61 -9.28
CA THR A 133 -7.52 12.95 -9.99
C THR A 133 -7.51 11.43 -9.75
N ARG A 134 -6.36 10.79 -10.03
CA ARG A 134 -6.13 9.39 -9.70
C ARG A 134 -6.28 9.09 -8.20
N ALA A 135 -5.79 9.98 -7.30
CA ALA A 135 -5.97 9.76 -5.86
C ALA A 135 -7.45 9.68 -5.48
N LYS A 136 -8.20 10.71 -5.78
CA LYS A 136 -9.66 10.69 -5.58
C LYS A 136 -10.40 9.47 -6.11
N GLN A 137 -10.01 8.96 -7.28
CA GLN A 137 -10.69 7.82 -7.86
C GLN A 137 -10.43 6.62 -7.01
N ARG A 138 -9.17 6.43 -6.66
CA ARG A 138 -8.80 5.39 -5.78
C ARG A 138 -9.53 5.42 -4.43
N VAL A 139 -9.62 6.59 -3.80
CA VAL A 139 -10.30 6.73 -2.52
C VAL A 139 -11.76 6.32 -2.61
N ALA A 140 -12.45 6.83 -3.64
CA ALA A 140 -13.84 6.44 -4.00
C ALA A 140 -13.99 4.93 -4.20
N GLU A 141 -13.01 4.31 -4.80
CA GLU A 141 -13.05 2.88 -4.86
C GLU A 141 -13.03 2.25 -3.45
N MET A 142 -12.19 2.79 -2.57
CA MET A 142 -11.98 2.17 -1.25
C MET A 142 -13.18 2.45 -0.43
N PHE A 143 -13.96 3.43 -0.87
CA PHE A 143 -15.13 3.89 -0.11
C PHE A 143 -16.42 3.14 -0.47
N ALA A 144 -16.43 2.60 -1.68
CA ALA A 144 -17.55 1.89 -2.29
C ALA A 144 -18.06 0.79 -1.32
N ILE A 145 -19.37 0.69 -1.05
CA ILE A 145 -19.92 -0.42 -0.25
C ILE A 145 -19.92 -1.64 -1.10
N ARG A 146 -19.19 -2.68 -0.71
CA ARG A 146 -19.18 -4.00 -1.41
C ARG A 146 -19.63 -5.10 -0.44
N GLU A 147 -20.22 -6.18 -0.95
CA GLU A 147 -20.60 -7.26 -0.04
C GLU A 147 -19.45 -8.28 0.15
N ASP A 148 -18.35 -8.06 -0.58
CA ASP A 148 -17.21 -8.95 -0.45
C ASP A 148 -15.99 -8.43 0.27
N ARG A 149 -16.04 -7.19 0.75
CA ARG A 149 -14.88 -6.62 1.40
C ARG A 149 -15.26 -5.31 2.11
N PRO A 150 -14.67 -5.07 3.28
CA PRO A 150 -15.05 -3.86 4.01
C PRO A 150 -14.48 -2.61 3.35
N SER A 151 -15.22 -1.52 3.39
CA SER A 151 -14.66 -0.20 3.02
C SER A 151 -13.62 0.26 4.00
N LEU A 152 -12.81 1.20 3.60
CA LEU A 152 -11.84 1.84 4.48
C LEU A 152 -12.52 2.36 5.79
N LEU A 153 -13.78 2.83 5.69
CA LEU A 153 -14.45 3.53 6.77
C LEU A 153 -14.95 2.48 7.73
N GLU A 154 -15.45 1.39 7.15
CA GLU A 154 -15.76 0.18 7.89
C GLU A 154 -14.56 -0.46 8.67
N GLU A 155 -13.43 -0.67 7.98
CA GLU A 155 -12.16 -1.12 8.61
C GLU A 155 -11.81 -0.22 9.80
N LEU A 156 -11.98 1.10 9.58
CA LEU A 156 -11.64 2.09 10.59
C LEU A 156 -12.58 2.00 11.82
N ALA A 157 -13.89 1.86 11.58
CA ALA A 157 -14.89 1.84 12.69
C ALA A 157 -14.75 0.55 13.53
N GLU A 158 -14.51 -0.55 12.83
CA GLU A 158 -14.24 -1.82 13.49
C GLU A 158 -13.10 -1.74 14.44
N LEU A 159 -11.95 -1.25 13.97
CA LEU A 159 -10.80 -1.16 14.85
C LEU A 159 -10.98 -0.09 15.95
N TRP A 160 -11.83 0.89 15.74
CA TRP A 160 -11.77 2.03 16.61
C TRP A 160 -12.28 1.58 17.96
N ASN A 161 -13.14 0.55 17.95
CA ASN A 161 -13.46 -0.24 19.14
C ASN A 161 -12.33 -0.71 20.04
N TYR A 162 -11.09 -0.79 19.56
CA TYR A 162 -9.93 -1.31 20.35
C TYR A 162 -8.94 -0.19 20.62
N PRO A 163 -8.96 0.38 21.85
CA PRO A 163 -8.19 1.61 22.13
C PRO A 163 -6.71 1.66 21.66
N ALA A 164 -6.00 0.56 21.82
CA ALA A 164 -4.67 0.35 21.30
C ALA A 164 -4.51 0.48 19.75
N ALA A 165 -5.61 0.36 19.00
CA ALA A 165 -5.53 0.48 17.56
C ALA A 165 -5.51 1.96 17.15
N ARG A 166 -6.04 2.79 18.04
CA ARG A 166 -6.25 4.23 17.80
C ARG A 166 -4.95 5.01 17.46
N PRO A 167 -3.90 4.95 18.32
CA PRO A 167 -2.60 5.59 18.03
C PRO A 167 -1.97 5.11 16.72
N ILE A 168 -2.13 3.82 16.43
CA ILE A 168 -1.55 3.19 15.27
C ILE A 168 -2.26 3.68 14.01
N LEU A 169 -3.61 3.80 14.01
CA LEU A 169 -4.34 4.23 12.77
C LEU A 169 -4.08 5.71 12.41
N GLU A 170 -3.96 6.53 13.45
CA GLU A 170 -3.49 7.93 13.36
C GLU A 170 -2.08 8.10 12.75
N ASP A 171 -1.25 7.04 12.62
CA ASP A 171 0.03 7.15 11.88
C ASP A 171 -0.05 6.50 10.47
N ILE A 172 -1.25 6.24 9.99
CA ILE A 172 -1.45 5.63 8.69
C ILE A 172 -2.29 6.51 7.71
N ASP A 173 -1.82 6.60 6.45
CA ASP A 173 -2.46 7.47 5.48
C ASP A 173 -3.92 7.06 5.22
N GLY A 174 -4.78 8.01 4.94
CA GLY A 174 -6.19 7.72 4.73
C GLY A 174 -6.86 7.70 6.10
N TYR A 175 -6.37 6.78 6.95
CA TYR A 175 -6.90 6.67 8.31
C TYR A 175 -6.66 7.93 9.06
N ARG A 176 -5.42 8.43 9.16
CA ARG A 176 -5.13 9.72 9.87
C ARG A 176 -6.13 10.76 9.35
N CYS A 177 -6.22 10.90 8.02
CA CYS A 177 -7.13 11.92 7.48
C CYS A 177 -8.56 11.75 7.93
N ALA A 178 -9.07 10.53 7.81
CA ALA A 178 -10.42 10.19 8.21
C ALA A 178 -10.65 10.48 9.69
N ILE A 179 -9.66 10.20 10.53
CA ILE A 179 -9.86 10.41 11.96
C ILE A 179 -9.98 11.92 12.28
N ARG A 180 -9.06 12.69 11.68
CA ARG A 180 -9.06 14.10 11.79
C ARG A 180 -10.32 14.74 11.17
N PHE A 181 -10.73 14.29 9.99
CA PHE A 181 -11.98 14.79 9.45
C PHE A 181 -13.15 14.64 10.45
N ALA A 182 -13.26 13.47 11.10
CA ALA A 182 -14.33 13.22 12.08
C ALA A 182 -14.29 14.18 13.28
N ARG A 183 -13.09 14.53 13.78
CA ARG A 183 -12.97 15.27 15.02
C ARG A 183 -13.32 16.66 14.61
N LYS A 184 -12.87 17.02 13.39
CA LYS A 184 -13.05 18.38 12.88
C LYS A 184 -14.52 18.80 12.80
N HIS A 185 -15.38 17.82 12.52
CA HIS A 185 -16.83 18.04 12.35
C HIS A 185 -17.63 17.55 13.51
N ASP A 186 -16.92 17.06 14.54
CA ASP A 186 -17.52 16.50 15.77
C ASP A 186 -18.40 15.23 15.54
N LEU A 187 -17.98 14.37 14.60
CA LEU A 187 -18.72 13.18 14.33
C LEU A 187 -17.95 12.08 15.05
N ALA A 188 -18.66 11.05 15.48
CA ALA A 188 -18.01 9.85 15.95
C ALA A 188 -17.50 9.08 14.76
N ILE A 189 -16.37 8.41 14.97
CA ILE A 189 -15.76 7.59 13.94
C ILE A 189 -16.74 6.52 13.39
N SER A 190 -17.57 5.97 14.29
CA SER A 190 -18.60 5.02 13.93
C SER A 190 -19.46 5.63 12.85
N GLN A 191 -19.73 6.93 12.98
CA GLN A 191 -20.64 7.70 12.12
C GLN A 191 -20.16 8.15 10.72
N LEU A 192 -18.85 8.05 10.50
CA LEU A 192 -18.24 8.40 9.22
C LEU A 192 -18.84 7.71 7.99
N PRO A 193 -19.18 6.41 8.06
CA PRO A 193 -19.94 5.84 6.87
C PRO A 193 -21.32 6.52 6.53
N ASN A 194 -21.91 7.26 7.46
CA ASN A 194 -23.28 7.72 7.25
C ASN A 194 -23.41 9.22 6.97
N ILE A 195 -22.32 9.83 6.51
CA ILE A 195 -22.28 11.27 6.23
C ILE A 195 -23.00 11.58 4.92
N ASP A 196 -23.71 12.72 4.85
CA ASP A 196 -24.32 13.19 3.59
C ASP A 196 -23.28 13.20 2.46
N ALA A 197 -23.72 13.13 1.20
CA ALA A 197 -22.79 13.04 0.07
C ALA A 197 -21.93 14.32 -0.07
N GLY A 198 -22.50 15.48 0.23
CA GLY A 198 -21.70 16.70 0.41
C GLY A 198 -20.46 16.57 1.32
N ARG A 199 -20.57 15.86 2.44
CA ARG A 199 -19.46 15.66 3.38
C ARG A 199 -18.51 14.55 2.82
N HIS A 200 -19.09 13.64 2.06
CA HIS A 200 -18.37 12.54 1.45
C HIS A 200 -17.27 13.03 0.45
N VAL A 201 -17.65 14.03 -0.34
CA VAL A 201 -16.79 14.60 -1.35
C VAL A 201 -15.68 15.36 -0.62
N GLU A 202 -16.03 16.08 0.46
CA GLU A 202 -15.02 16.83 1.18
C GLU A 202 -13.97 15.85 1.67
N LEU A 203 -14.40 14.70 2.18
CA LEU A 203 -13.45 13.73 2.74
C LEU A 203 -12.62 13.03 1.64
N ILE A 204 -13.21 12.67 0.48
CA ILE A 204 -12.43 12.06 -0.63
C ILE A 204 -11.27 13.04 -0.93
N GLU A 205 -11.62 14.33 -0.97
CA GLU A 205 -10.67 15.35 -1.37
C GLU A 205 -9.51 15.44 -0.36
N ALA A 206 -9.87 15.45 0.92
CA ALA A 206 -8.88 15.58 1.93
C ALA A 206 -7.97 14.34 1.93
N ILE A 207 -8.50 13.15 1.69
CA ILE A 207 -7.64 11.96 1.74
C ILE A 207 -6.61 11.96 0.60
N ALA A 208 -7.09 12.31 -0.58
CA ALA A 208 -6.26 12.57 -1.79
C ALA A 208 -5.08 13.52 -1.51
N ASN A 209 -5.38 14.63 -0.78
CA ASN A 209 -4.39 15.60 -0.47
C ASN A 209 -3.36 14.94 0.44
N GLU A 210 -3.84 14.15 1.42
CA GLU A 210 -2.90 13.39 2.27
C GLU A 210 -2.11 12.32 1.43
N TYR A 211 -2.67 11.85 0.35
CA TYR A 211 -1.89 10.94 -0.50
C TYR A 211 -0.82 11.72 -1.27
N LEU A 212 -1.17 12.95 -1.69
CA LEU A 212 -0.23 13.72 -2.44
C LEU A 212 0.93 14.02 -1.52
N GLU A 213 0.61 14.40 -0.29
CA GLU A 213 1.63 14.71 0.67
C GLU A 213 2.58 13.50 0.82
N HIS A 214 1.99 12.32 0.95
CA HIS A 214 2.80 11.12 1.02
C HIS A 214 3.63 10.83 -0.26
N ALA A 215 3.04 11.00 -1.45
CA ALA A 215 3.76 10.78 -2.73
C ALA A 215 4.96 11.76 -2.91
N LEU A 216 4.76 12.99 -2.44
CA LEU A 216 5.87 13.92 -2.36
C LEU A 216 7.04 13.44 -1.45
N SER A 217 6.75 12.87 -0.27
CA SER A 217 7.80 12.25 0.57
C SER A 217 8.45 11.07 -0.12
N GLN A 218 7.64 10.29 -0.83
CA GLN A 218 8.17 9.14 -1.49
C GLN A 218 9.27 9.58 -2.47
N GLU A 219 9.03 10.70 -3.12
CA GLU A 219 9.96 11.29 -4.13
C GLU A 219 11.25 11.79 -3.51
N ARG A 220 11.18 12.31 -2.29
CA ARG A 220 12.37 12.73 -1.59
C ARG A 220 13.10 11.51 -1.01
N ASP A 221 12.44 10.63 -0.28
CA ASP A 221 13.21 9.68 0.49
C ASP A 221 13.49 8.29 -0.22
N PHE A 222 12.79 8.06 -1.35
CA PHE A 222 13.10 6.95 -2.20
C PHE A 222 14.55 6.92 -2.58
N PRO A 223 15.15 5.75 -2.47
CA PRO A 223 16.47 5.48 -3.04
C PRO A 223 16.44 5.55 -4.57
N GLN A 224 17.57 5.90 -5.16
CA GLN A 224 17.66 5.90 -6.60
C GLN A 224 18.26 4.58 -6.99
N TRP A 225 17.41 3.65 -7.42
CA TRP A 225 17.83 2.28 -7.76
C TRP A 225 18.53 2.29 -9.11
N PRO A 226 19.72 1.66 -9.17
CA PRO A 226 20.51 1.69 -10.41
C PRO A 226 19.89 0.80 -11.51
N GLU A 227 19.76 1.35 -12.72
CA GLU A 227 19.12 0.65 -13.88
C GLU A 227 20.15 0.23 -14.94
CL CL B . -0.03 1.77 -7.02
P AMP C . 7.09 3.42 4.77
O1P AMP C . 6.65 1.91 4.71
O2P AMP C . 6.74 4.12 3.52
O3P AMP C . 8.46 3.45 5.31
O5' AMP C . 6.12 3.96 5.97
C5' AMP C . 6.13 5.31 6.40
C4' AMP C . 4.71 5.88 6.53
O4' AMP C . 4.05 5.86 5.29
C3' AMP C . 3.83 4.94 7.33
O3' AMP C . 4.00 5.15 8.67
C2' AMP C . 2.40 5.17 6.95
O2' AMP C . 1.81 6.33 7.56
C1' AMP C . 2.69 5.47 5.49
N9 AMP C . 2.40 4.30 4.67
C8 AMP C . 3.30 3.48 4.10
N7 AMP C . 2.63 2.56 3.34
C5 AMP C . 1.30 2.81 3.42
C6 AMP C . 0.03 2.19 2.94
N6 AMP C . -0.04 1.10 2.16
N1 AMP C . -1.12 2.79 3.39
C2 AMP C . -1.18 3.90 4.15
N3 AMP C . -0.08 4.46 4.64
C4 AMP C . 1.17 3.95 4.33
#